data_5AXN
#
_entry.id   5AXN
#
_cell.length_a   82.255
_cell.length_b   134.052
_cell.length_c   147.384
_cell.angle_alpha   90.00
_cell.angle_beta   90.00
_cell.angle_gamma   90.00
#
_symmetry.space_group_name_H-M   'I 2 2 2'
#
loop_
_entity.id
_entity.type
_entity.pdbx_description
1 polymer "tRNA(His)-5'-guanylyltransferase (Thg1) like protein"
2 polymer 'RNA (75-MER)'
3 non-polymer 'MAGNESIUM ION'
4 non-polymer 'PHOSPHOAMINOPHOSPHONIC ACID-GUANYLATE ESTER'
5 water water
#
loop_
_entity_poly.entity_id
_entity_poly.type
_entity_poly.pdbx_seq_one_letter_code
_entity_poly.pdbx_strand_id
1 'polypeptide(L)'
;MKTREIYAEMRCIPPVVLRADGRNFKNTLSGLGFEKPYDKTFARAMADTAELFIKKSGLSPLFAYTFSDEISFLFTDLPF
DGRVEKIDSVVASFLGSALTIKLRLEEPIAFDSRLVALQKEEIPEYFHRRQLEAWRNFVASWGYYALRNEGMGRNEAAKY
LKRKKESEIHEMLFERGINLATLPSWQRRGVIISKEAREIQGFNPVSGKEEKSLRRKITQNWEIPKFKSEKGIPFLEKLI
NRNLEHHHHHH
;
A,B
2 'polyribonucleotide' (GTP)GGAUUUAGCUCAGUUGGGAGAGCGCCAGACUGAAGAUCUGGAGGUCCUGUGUUCGAUCCACAGAAUCCCCACCA P
#
loop_
_chem_comp.id
_chem_comp.type
_chem_comp.name
_chem_comp.formula
A RNA linking ADENOSINE-5'-MONOPHOSPHATE 'C10 H14 N5 O7 P'
C RNA linking CYTIDINE-5'-MONOPHOSPHATE 'C9 H14 N3 O8 P'
G RNA linking GUANOSINE-5'-MONOPHOSPHATE 'C10 H14 N5 O8 P'
GNP non-polymer 'PHOSPHOAMINOPHOSPHONIC ACID-GUANYLATE ESTER' 'C10 H17 N6 O13 P3'
GTP non-polymer GUANOSINE-5'-TRIPHOSPHATE 'C10 H16 N5 O14 P3'
MG non-polymer 'MAGNESIUM ION' 'Mg 2'
U RNA linking URIDINE-5'-MONOPHOSPHATE 'C9 H13 N2 O9 P'
#
# COMPACT_ATOMS: atom_id res chain seq x y z
N MET A 1 5.54 -4.35 -22.68
CA MET A 1 5.76 -3.51 -21.52
C MET A 1 6.25 -4.30 -20.32
N LYS A 2 6.29 -5.62 -20.47
CA LYS A 2 6.84 -6.50 -19.44
C LYS A 2 8.35 -6.33 -19.38
N THR A 3 8.96 -6.01 -20.53
CA THR A 3 10.39 -5.74 -20.58
C THR A 3 10.70 -4.43 -19.85
N ARG A 4 9.70 -3.57 -19.73
CA ARG A 4 9.87 -2.28 -19.06
C ARG A 4 9.64 -2.40 -17.55
N GLU A 5 9.21 -3.57 -17.11
CA GLU A 5 9.08 -3.85 -15.68
C GLU A 5 10.42 -4.29 -15.12
N ILE A 6 11.35 -3.34 -15.04
CA ILE A 6 12.77 -3.65 -14.84
C ILE A 6 13.16 -4.05 -13.41
N TYR A 7 12.21 -4.03 -12.48
CA TYR A 7 12.50 -4.45 -11.11
C TYR A 7 11.64 -5.64 -10.69
N ALA A 8 10.75 -6.07 -11.58
CA ALA A 8 9.71 -7.04 -11.24
C ALA A 8 10.26 -8.42 -10.89
N GLU A 9 11.44 -8.74 -11.39
CA GLU A 9 12.02 -10.06 -11.15
C GLU A 9 13.28 -9.98 -10.31
N MET A 10 13.51 -8.83 -9.69
CA MET A 10 14.58 -8.70 -8.72
C MET A 10 14.21 -9.46 -7.46
N ARG A 11 15.18 -10.14 -6.85
CA ARG A 11 14.86 -11.06 -5.77
C ARG A 11 15.74 -10.93 -4.53
N CYS A 12 15.32 -11.62 -3.47
CA CYS A 12 16.12 -11.74 -2.26
C CYS A 12 16.25 -13.22 -1.89
N ILE A 13 17.11 -13.52 -0.92
CA ILE A 13 17.28 -14.90 -0.47
C ILE A 13 16.93 -14.99 1.01
N PRO A 14 16.45 -16.17 1.44
CA PRO A 14 16.13 -16.33 2.87
C PRO A 14 17.40 -16.43 3.70
N PRO A 15 17.33 -16.03 4.98
CA PRO A 15 16.15 -15.43 5.61
C PRO A 15 16.08 -13.93 5.34
N VAL A 16 14.89 -13.36 5.38
CA VAL A 16 14.75 -11.92 5.21
C VAL A 16 13.87 -11.34 6.31
N VAL A 17 14.13 -10.08 6.65
CA VAL A 17 13.26 -9.38 7.58
C VAL A 17 12.57 -8.25 6.85
N LEU A 18 11.24 -8.19 6.93
CA LEU A 18 10.56 -7.05 6.32
C LEU A 18 10.22 -6.04 7.41
N ARG A 19 10.75 -4.84 7.27
CA ARG A 19 10.36 -3.79 8.20
C ARG A 19 9.39 -2.83 7.53
N ALA A 20 8.21 -2.73 8.11
CA ALA A 20 7.19 -1.79 7.66
C ALA A 20 7.09 -0.64 8.64
N ASP A 21 7.20 0.57 8.12
CA ASP A 21 7.17 1.76 8.96
C ASP A 21 6.08 2.71 8.49
N GLY A 22 5.21 3.11 9.42
CA GLY A 22 4.12 4.02 9.11
C GLY A 22 4.64 5.28 8.44
N ARG A 23 4.06 5.61 7.30
CA ARG A 23 4.49 6.77 6.53
C ARG A 23 3.73 8.03 6.92
N ASN A 24 4.48 9.00 7.44
CA ASN A 24 3.95 10.30 7.81
C ASN A 24 2.81 10.16 8.83
N PHE A 25 2.97 9.25 9.79
CA PHE A 25 1.91 8.94 10.73
C PHE A 25 1.66 10.07 11.73
N LYS A 26 2.64 10.94 11.92
CA LYS A 26 2.51 12.06 12.84
C LYS A 26 1.41 13.02 12.40
N ASN A 27 1.26 13.17 11.09
CA ASN A 27 0.26 14.08 10.53
C ASN A 27 -1.01 13.38 10.05
N THR A 28 -0.93 12.06 9.89
CA THR A 28 -2.08 11.30 9.37
C THR A 28 -2.96 10.72 10.48
N LEU A 29 -2.41 10.64 11.69
CA LEU A 29 -3.14 10.08 12.81
C LEU A 29 -3.62 11.19 13.74
N SER A 30 -3.02 12.37 13.63
CA SER A 30 -3.46 13.52 14.38
C SER A 30 -4.85 13.92 13.91
N GLY A 31 -5.65 14.46 14.83
CA GLY A 31 -7.04 14.75 14.52
C GLY A 31 -7.94 13.76 15.22
N LEU A 32 -7.43 12.55 15.41
CA LEU A 32 -8.12 11.55 16.22
C LEU A 32 -7.78 11.80 17.69
N GLY A 33 -8.36 11.00 18.58
CA GLY A 33 -8.22 11.24 20.02
C GLY A 33 -7.05 10.51 20.66
N PHE A 34 -5.94 10.44 19.96
CA PHE A 34 -4.76 9.72 20.44
C PHE A 34 -3.99 10.49 21.51
N GLU A 35 -3.65 9.79 22.59
CA GLU A 35 -2.86 10.37 23.67
C GLU A 35 -1.39 10.50 23.29
N LYS A 36 -0.68 11.40 23.95
CA LYS A 36 0.73 11.62 23.66
C LYS A 36 1.60 11.40 24.90
N PRO A 37 2.82 10.85 24.70
CA PRO A 37 3.39 10.41 23.42
C PRO A 37 3.07 8.95 23.12
N TYR A 38 2.21 8.33 23.91
CA TYR A 38 1.85 6.93 23.71
C TYR A 38 0.36 6.70 23.92
N ASP A 39 -0.26 6.02 22.95
CA ASP A 39 -1.66 5.66 23.06
C ASP A 39 -1.83 4.15 23.06
N LYS A 40 -2.42 3.62 24.12
CA LYS A 40 -2.62 2.19 24.28
C LYS A 40 -3.46 1.59 23.16
N THR A 41 -4.49 2.33 22.77
CA THR A 41 -5.40 1.90 21.70
C THR A 41 -4.64 1.72 20.39
N PHE A 42 -3.74 2.65 20.10
CA PHE A 42 -2.99 2.61 18.85
C PHE A 42 -2.00 1.44 18.80
N ALA A 43 -1.22 1.28 19.86
CA ALA A 43 -0.30 0.15 19.96
C ALA A 43 -1.06 -1.16 19.86
N ARG A 44 -2.25 -1.18 20.47
CA ARG A 44 -3.14 -2.33 20.39
C ARG A 44 -3.54 -2.61 18.94
N ALA A 45 -3.83 -1.54 18.20
CA ALA A 45 -4.22 -1.66 16.80
C ALA A 45 -3.06 -2.16 15.96
N MET A 46 -1.84 -1.76 16.32
CA MET A 46 -0.64 -2.21 15.62
C MET A 46 -0.39 -3.70 15.84
N ALA A 47 -0.46 -4.11 17.10
CA ALA A 47 -0.28 -5.52 17.43
C ALA A 47 -1.36 -6.38 16.78
N ASP A 48 -2.58 -5.86 16.76
CA ASP A 48 -3.70 -6.55 16.13
C ASP A 48 -3.53 -6.60 14.62
N THR A 49 -2.85 -5.61 14.05
CA THR A 49 -2.57 -5.57 12.63
C THR A 49 -1.55 -6.64 12.27
N ALA A 50 -0.49 -6.72 13.07
CA ALA A 50 0.53 -7.76 12.88
C ALA A 50 -0.08 -9.15 13.02
N GLU A 51 -0.92 -9.32 14.05
CA GLU A 51 -1.61 -10.60 14.26
C GLU A 51 -2.51 -10.93 13.07
N LEU A 52 -3.17 -9.89 12.54
CA LEU A 52 -4.04 -10.05 11.38
C LEU A 52 -3.23 -10.52 10.18
N PHE A 53 -2.01 -10.00 10.04
CA PHE A 53 -1.14 -10.43 8.95
C PHE A 53 -0.70 -11.87 9.13
N ILE A 54 -0.34 -12.23 10.36
CA ILE A 54 0.09 -13.60 10.64
C ILE A 54 -1.04 -14.59 10.38
N LYS A 55 -2.27 -14.18 10.66
CA LYS A 55 -3.42 -15.07 10.56
C LYS A 55 -4.02 -15.18 9.15
N LYS A 56 -4.10 -14.07 8.44
CA LYS A 56 -4.92 -14.01 7.23
C LYS A 56 -4.15 -13.82 5.92
N SER A 57 -2.92 -13.34 5.99
CA SER A 57 -2.15 -13.04 4.77
C SER A 57 -1.83 -14.29 3.97
N GLY A 58 -1.42 -15.34 4.67
CA GLY A 58 -1.08 -16.61 4.02
C GLY A 58 0.38 -16.68 3.64
N LEU A 59 1.15 -15.69 4.08
CA LEU A 59 2.56 -15.59 3.71
C LEU A 59 3.47 -16.18 4.79
N SER A 60 2.89 -16.49 5.93
CA SER A 60 3.56 -17.22 7.01
C SER A 60 4.90 -16.64 7.46
N PRO A 61 4.86 -15.53 8.20
CA PRO A 61 6.07 -15.09 8.89
C PRO A 61 6.25 -15.88 10.18
N LEU A 62 7.50 -16.06 10.62
CA LEU A 62 7.75 -16.79 11.87
C LEU A 62 7.20 -16.00 13.04
N PHE A 63 7.52 -14.72 13.08
CA PHE A 63 6.94 -13.83 14.06
C PHE A 63 7.06 -12.37 13.68
N ALA A 64 6.31 -11.56 14.40
CA ALA A 64 6.32 -10.12 14.24
C ALA A 64 6.79 -9.46 15.53
N TYR A 65 7.56 -8.38 15.37
CA TYR A 65 7.94 -7.56 16.51
C TYR A 65 7.58 -6.13 16.20
N THR A 66 6.68 -5.56 16.99
CA THR A 66 6.18 -4.23 16.71
C THR A 66 6.43 -3.24 17.83
N PHE A 67 6.74 -2.01 17.44
CA PHE A 67 6.66 -0.88 18.35
C PHE A 67 6.41 0.34 17.47
N SER A 68 5.31 1.02 17.74
CA SER A 68 4.77 2.06 16.87
C SER A 68 5.83 3.11 16.49
N ASP A 69 5.86 3.46 15.21
CA ASP A 69 4.89 2.92 14.26
C ASP A 69 5.51 1.91 13.28
N GLU A 70 6.22 0.92 13.81
CA GLU A 70 6.89 -0.04 12.94
C GLU A 70 6.63 -1.49 13.33
N ILE A 71 6.68 -2.35 12.33
CA ILE A 71 6.55 -3.80 12.51
C ILE A 71 7.64 -4.53 11.72
N SER A 72 8.33 -5.46 12.37
CA SER A 72 9.29 -6.31 11.68
C SER A 72 8.78 -7.74 11.60
N PHE A 73 8.74 -8.29 10.39
CA PHE A 73 8.37 -9.69 10.21
C PHE A 73 9.59 -10.51 9.85
N LEU A 74 9.69 -11.71 10.42
CA LEU A 74 10.76 -12.63 10.01
C LEU A 74 10.27 -13.67 9.01
N PHE A 75 10.99 -13.82 7.90
CA PHE A 75 10.65 -14.82 6.89
C PHE A 75 11.82 -15.75 6.59
N THR A 76 11.58 -17.06 6.64
CA THR A 76 12.51 -18.03 6.08
C THR A 76 11.90 -18.60 4.81
N ASP A 77 10.57 -18.61 4.76
CA ASP A 77 9.84 -19.00 3.55
C ASP A 77 9.42 -17.74 2.81
N LEU A 78 10.18 -17.39 1.78
CA LEU A 78 9.94 -16.15 1.04
C LEU A 78 8.65 -16.20 0.25
N PRO A 79 7.79 -15.19 0.44
CA PRO A 79 6.58 -15.06 -0.39
C PRO A 79 6.91 -14.62 -1.81
N PHE A 80 6.03 -14.95 -2.75
CA PHE A 80 6.15 -14.53 -4.15
C PHE A 80 7.53 -14.81 -4.74
N ASP A 81 8.10 -15.95 -4.37
CA ASP A 81 9.40 -16.40 -4.87
C ASP A 81 10.50 -15.35 -4.64
N GLY A 82 10.40 -14.63 -3.52
CA GLY A 82 11.45 -13.71 -3.13
C GLY A 82 11.52 -12.42 -3.91
N ARG A 83 10.48 -12.14 -4.70
CA ARG A 83 10.44 -10.91 -5.49
C ARG A 83 10.25 -9.68 -4.60
N VAL A 84 11.19 -8.74 -4.68
CA VAL A 84 11.24 -7.60 -3.78
C VAL A 84 10.00 -6.69 -3.87
N GLU A 85 9.74 -6.19 -5.07
CA GLU A 85 8.60 -5.30 -5.31
C GLU A 85 7.31 -5.88 -4.78
N LYS A 86 7.05 -7.14 -5.13
CA LYS A 86 5.78 -7.77 -4.80
C LYS A 86 5.63 -7.95 -3.29
N ILE A 87 6.70 -8.39 -2.63
CA ILE A 87 6.68 -8.57 -1.18
C ILE A 87 6.45 -7.23 -0.47
N ASP A 88 7.31 -6.25 -0.75
CA ASP A 88 7.18 -4.92 -0.15
C ASP A 88 5.77 -4.35 -0.33
N SER A 89 5.32 -4.29 -1.59
CA SER A 89 4.04 -3.70 -1.92
C SER A 89 2.89 -4.44 -1.26
N VAL A 90 2.79 -5.75 -1.50
CA VAL A 90 1.67 -6.54 -0.97
C VAL A 90 1.60 -6.48 0.55
N VAL A 91 2.75 -6.67 1.21
CA VAL A 91 2.76 -6.64 2.67
C VAL A 91 2.35 -5.27 3.21
N ALA A 92 2.95 -4.22 2.67
CA ALA A 92 2.64 -2.86 3.09
C ALA A 92 1.16 -2.53 2.89
N SER A 93 0.61 -3.03 1.79
CA SER A 93 -0.79 -2.84 1.44
C SER A 93 -1.69 -3.54 2.45
N PHE A 94 -1.36 -4.79 2.75
CA PHE A 94 -2.11 -5.57 3.73
C PHE A 94 -2.12 -4.86 5.08
N LEU A 95 -0.97 -4.35 5.48
CA LEU A 95 -0.85 -3.68 6.77
C LEU A 95 -1.65 -2.38 6.79
N GLY A 96 -1.61 -1.64 5.69
CA GLY A 96 -2.38 -0.42 5.58
C GLY A 96 -3.87 -0.70 5.72
N SER A 97 -4.33 -1.70 4.99
CA SER A 97 -5.72 -2.13 5.05
C SER A 97 -6.12 -2.55 6.46
N ALA A 98 -5.34 -3.44 7.05
CA ALA A 98 -5.63 -3.98 8.38
C ALA A 98 -5.67 -2.89 9.44
N LEU A 99 -4.67 -2.02 9.44
CA LEU A 99 -4.62 -0.92 10.39
C LEU A 99 -5.83 0.00 10.19
N THR A 100 -6.17 0.26 8.93
CA THR A 100 -7.33 1.09 8.62
C THR A 100 -8.61 0.47 9.19
N ILE A 101 -8.69 -0.86 9.15
CA ILE A 101 -9.84 -1.56 9.71
C ILE A 101 -9.89 -1.45 11.23
N LYS A 102 -8.76 -1.75 11.87
CA LYS A 102 -8.70 -1.77 13.33
C LYS A 102 -8.95 -0.40 13.94
N LEU A 103 -8.60 0.66 13.23
CA LEU A 103 -8.80 2.02 13.73
C LEU A 103 -10.09 2.65 13.20
N ARG A 104 -10.71 1.97 12.23
CA ARG A 104 -11.93 2.48 11.60
C ARG A 104 -11.72 3.88 11.05
N LEU A 105 -10.68 4.03 10.24
CA LEU A 105 -10.27 5.33 9.73
C LEU A 105 -11.21 5.85 8.65
N GLU A 106 -11.33 7.17 8.58
CA GLU A 106 -12.17 7.83 7.58
C GLU A 106 -11.32 8.22 6.38
N GLU A 107 -10.02 8.44 6.64
CA GLU A 107 -9.09 8.86 5.61
C GLU A 107 -7.92 7.89 5.56
N PRO A 108 -7.34 7.69 4.36
CA PRO A 108 -6.37 6.62 4.15
C PRO A 108 -5.02 6.86 4.82
N ILE A 109 -4.35 5.77 5.18
CA ILE A 109 -2.98 5.85 5.66
C ILE A 109 -2.12 4.97 4.77
N ALA A 110 -0.82 5.02 4.96
CA ALA A 110 0.07 4.19 4.17
C ALA A 110 1.30 3.80 4.96
N PHE A 111 1.72 2.54 4.81
CA PHE A 111 2.99 2.07 5.34
C PHE A 111 4.04 2.12 4.24
N ASP A 112 5.30 2.25 4.64
CA ASP A 112 6.40 1.93 3.75
C ASP A 112 6.91 0.56 4.17
N SER A 113 7.63 -0.12 3.28
CA SER A 113 8.21 -1.41 3.63
C SER A 113 9.59 -1.54 3.00
N ARG A 114 10.46 -2.28 3.68
CA ARG A 114 11.77 -2.55 3.11
C ARG A 114 12.30 -3.92 3.54
N LEU A 115 13.13 -4.50 2.69
CA LEU A 115 13.74 -5.79 2.94
C LEU A 115 15.13 -5.65 3.54
N VAL A 116 15.31 -6.24 4.72
CA VAL A 116 16.61 -6.36 5.35
C VAL A 116 17.12 -7.77 5.09
N ALA A 117 18.16 -7.87 4.27
CA ALA A 117 18.69 -9.15 3.83
C ALA A 117 19.70 -9.71 4.83
N LEU A 118 19.18 -10.26 5.93
CA LEU A 118 20.03 -10.79 6.98
C LEU A 118 20.56 -12.18 6.66
N GLN A 119 21.67 -12.51 7.30
CA GLN A 119 22.12 -13.89 7.39
C GLN A 119 21.65 -14.40 8.74
N LYS A 120 21.32 -15.69 8.83
CA LYS A 120 20.53 -16.20 9.95
C LYS A 120 21.19 -16.06 11.31
N GLU A 121 22.52 -15.88 11.32
CA GLU A 121 23.22 -15.65 12.57
C GLU A 121 23.12 -14.19 12.99
N GLU A 122 22.65 -13.36 12.08
CA GLU A 122 22.50 -11.93 12.35
C GLU A 122 21.09 -11.56 12.77
N ILE A 123 20.18 -12.54 12.73
CA ILE A 123 18.77 -12.28 13.05
C ILE A 123 18.55 -11.79 14.49
N PRO A 124 19.19 -12.42 15.49
CA PRO A 124 18.99 -11.85 16.84
C PRO A 124 19.45 -10.39 16.91
N GLU A 125 20.69 -10.14 16.51
CA GLU A 125 21.28 -8.80 16.52
C GLU A 125 20.29 -7.75 16.01
N TYR A 126 19.75 -7.98 14.81
CA TYR A 126 18.78 -7.08 14.20
C TYR A 126 17.73 -6.64 15.22
N PHE A 127 17.01 -7.60 15.76
CA PHE A 127 15.91 -7.29 16.66
C PHE A 127 16.43 -6.54 17.88
N HIS A 128 17.58 -6.98 18.39
CA HIS A 128 18.22 -6.25 19.49
C HIS A 128 18.34 -4.78 19.13
N ARG A 129 18.93 -4.51 17.97
CA ARG A 129 19.12 -3.13 17.52
C ARG A 129 17.76 -2.43 17.43
N ARG A 130 16.78 -3.13 16.88
CA ARG A 130 15.44 -2.56 16.77
C ARG A 130 14.92 -2.24 18.16
N GLN A 131 15.12 -3.15 19.10
CA GLN A 131 14.67 -2.92 20.47
C GLN A 131 15.40 -1.71 21.04
N LEU A 132 16.68 -1.57 20.69
CA LEU A 132 17.44 -0.40 21.11
C LEU A 132 16.72 0.86 20.65
N GLU A 133 16.27 0.87 19.40
CA GLU A 133 15.53 2.00 18.85
C GLU A 133 14.33 2.28 19.76
N ALA A 134 13.60 1.20 20.09
CA ALA A 134 12.41 1.30 20.91
C ALA A 134 12.70 2.00 22.23
N TRP A 135 13.93 1.87 22.73
CA TRP A 135 14.31 2.53 23.97
C TRP A 135 14.51 4.03 23.76
N ARG A 136 15.27 4.42 22.74
CA ARG A 136 15.58 5.84 22.53
C ARG A 136 14.31 6.65 22.37
N ASN A 137 13.52 6.26 21.37
CA ASN A 137 12.26 6.92 21.09
C ASN A 137 11.28 6.82 22.27
N PHE A 138 11.57 5.94 23.23
CA PHE A 138 10.77 5.89 24.45
C PHE A 138 11.19 7.00 25.40
N VAL A 139 12.50 7.14 25.58
CA VAL A 139 13.04 8.17 26.45
C VAL A 139 12.79 9.56 25.86
N ALA A 140 13.43 9.82 24.71
CA ALA A 140 13.35 11.10 24.03
C ALA A 140 11.93 11.65 23.91
N SER A 141 11.04 10.86 23.30
CA SER A 141 9.68 11.30 23.05
C SER A 141 8.90 11.58 24.35
N TRP A 142 9.32 10.97 25.45
CA TRP A 142 8.69 11.31 26.73
C TRP A 142 9.21 12.65 27.19
N GLY A 143 10.53 12.84 27.09
CA GLY A 143 11.14 14.12 27.41
C GLY A 143 10.51 15.23 26.59
N TYR A 144 10.44 15.03 25.29
CA TYR A 144 9.83 15.99 24.39
C TYR A 144 8.35 16.24 24.72
N TYR A 145 7.72 15.27 25.39
CA TYR A 145 6.33 15.45 25.84
C TYR A 145 6.27 16.09 27.23
N ALA A 146 7.29 15.85 28.05
CA ALA A 146 7.37 16.52 29.35
C ALA A 146 7.51 18.01 29.13
N LEU A 147 8.52 18.38 28.35
CA LEU A 147 8.61 19.71 27.77
C LEU A 147 7.45 19.84 26.80
N ARG A 148 7.19 21.05 26.32
CA ARG A 148 6.09 21.28 25.38
C ARG A 148 4.77 20.88 26.05
N ASN A 149 4.70 21.11 27.35
CA ASN A 149 3.51 20.78 28.13
C ASN A 149 3.55 21.42 29.52
N MET A 152 5.95 24.83 25.94
CA MET A 152 7.10 25.15 25.09
C MET A 152 6.80 24.94 23.61
N GLY A 153 7.40 25.78 22.77
CA GLY A 153 7.26 25.65 21.34
C GLY A 153 8.17 24.55 20.81
N ARG A 154 8.01 24.23 19.53
CA ARG A 154 8.80 23.18 18.89
C ARG A 154 10.30 23.39 19.08
N ASN A 155 10.80 24.50 18.54
CA ASN A 155 12.22 24.84 18.62
C ASN A 155 12.73 24.99 20.04
N GLU A 156 11.91 25.57 20.90
CA GLU A 156 12.27 25.79 22.30
C GLU A 156 12.45 24.46 23.05
N ALA A 157 11.36 23.69 23.10
CA ALA A 157 11.33 22.39 23.75
C ALA A 157 12.42 21.49 23.18
N ALA A 158 12.73 21.68 21.90
CA ALA A 158 13.84 20.98 21.28
C ALA A 158 15.17 21.41 21.90
N LYS A 159 15.40 22.73 21.92
CA LYS A 159 16.69 23.27 22.33
C LYS A 159 16.95 23.15 23.83
N TYR A 160 15.93 22.75 24.60
CA TYR A 160 16.18 22.37 25.99
C TYR A 160 16.84 21.00 26.04
N LEU A 161 16.41 20.11 25.15
CA LEU A 161 16.82 18.71 25.19
C LEU A 161 18.20 18.47 24.59
N LYS A 162 18.73 19.45 23.87
CA LYS A 162 20.00 19.29 23.17
C LYS A 162 21.15 19.01 24.14
N ARG A 163 22.09 18.17 23.70
CA ARG A 163 23.29 17.83 24.46
C ARG A 163 23.00 17.00 25.72
N LYS A 164 21.72 16.79 26.02
CA LYS A 164 21.34 16.04 27.22
C LYS A 164 21.26 14.54 26.96
N LYS A 165 21.93 13.76 27.80
CA LYS A 165 21.96 12.31 27.66
C LYS A 165 20.77 11.66 28.36
N GLU A 166 20.57 10.37 28.13
CA GLU A 166 19.39 9.65 28.63
C GLU A 166 19.18 9.76 30.14
N SER A 167 20.26 9.70 30.91
CA SER A 167 20.16 9.69 32.37
C SER A 167 19.63 11.01 32.93
N GLU A 168 20.13 12.13 32.42
CA GLU A 168 19.65 13.43 32.87
C GLU A 168 18.25 13.69 32.32
N ILE A 169 17.87 12.98 31.26
CA ILE A 169 16.51 13.02 30.77
C ILE A 169 15.59 12.29 31.74
N HIS A 170 16.08 11.15 32.27
CA HIS A 170 15.38 10.45 33.34
C HIS A 170 15.16 11.39 34.51
N GLU A 171 16.25 12.01 34.95
CA GLU A 171 16.21 12.89 36.11
C GLU A 171 15.22 14.04 35.89
N MET A 172 15.35 14.71 34.75
CA MET A 172 14.48 15.83 34.42
C MET A 172 13.01 15.40 34.38
N LEU A 173 12.77 14.24 33.78
CA LEU A 173 11.43 13.68 33.66
C LEU A 173 10.81 13.39 35.02
N PHE A 174 11.58 12.80 35.93
CA PHE A 174 11.04 12.56 37.26
C PHE A 174 10.80 13.89 37.94
N GLU A 175 11.78 14.78 37.89
CA GLU A 175 11.66 16.08 38.55
C GLU A 175 10.59 16.94 37.86
N ARG A 176 9.94 16.37 36.84
CA ARG A 176 8.71 16.94 36.29
C ARG A 176 7.51 16.05 36.55
N GLY A 177 7.73 14.93 37.24
CA GLY A 177 6.64 14.07 37.66
C GLY A 177 6.39 12.85 36.79
N ILE A 178 7.38 12.49 35.98
CA ILE A 178 7.25 11.34 35.09
C ILE A 178 8.24 10.24 35.46
N ASN A 179 7.70 9.10 35.89
CA ASN A 179 8.49 7.98 36.35
C ASN A 179 8.66 6.93 35.25
N LEU A 180 9.70 7.08 34.43
CA LEU A 180 9.95 6.21 33.29
C LEU A 180 10.09 4.74 33.67
N ALA A 181 10.80 4.47 34.75
CA ALA A 181 11.11 3.10 35.15
C ALA A 181 9.85 2.27 35.42
N THR A 182 8.78 2.94 35.83
CA THR A 182 7.54 2.25 36.17
C THR A 182 6.54 2.20 35.01
N LEU A 183 6.85 2.92 33.94
CA LEU A 183 5.98 2.95 32.76
C LEU A 183 5.86 1.57 32.12
N PRO A 184 4.73 1.29 31.45
CA PRO A 184 4.41 -0.03 30.88
C PRO A 184 5.53 -0.60 30.01
N SER A 185 5.74 -1.91 30.14
CA SER A 185 6.83 -2.58 29.45
C SER A 185 6.74 -2.48 27.93
N TRP A 186 5.53 -2.34 27.39
CA TRP A 186 5.35 -2.29 25.94
C TRP A 186 5.84 -0.97 25.35
N GLN A 187 5.92 0.07 26.19
CA GLN A 187 6.45 1.35 25.74
C GLN A 187 7.97 1.32 25.69
N ARG A 188 8.57 0.58 26.63
CA ARG A 188 10.02 0.53 26.75
C ARG A 188 10.65 -0.50 25.82
N ARG A 189 9.94 -1.60 25.59
CA ARG A 189 10.53 -2.75 24.91
C ARG A 189 9.79 -3.18 23.64
N GLY A 190 8.51 -2.84 23.55
CA GLY A 190 7.71 -3.22 22.39
C GLY A 190 6.92 -4.49 22.64
N VAL A 191 6.34 -5.03 21.55
CA VAL A 191 5.44 -6.17 21.66
C VAL A 191 5.79 -7.26 20.64
N ILE A 192 5.73 -8.52 21.06
CA ILE A 192 6.01 -9.64 20.16
C ILE A 192 4.75 -10.43 19.84
N ILE A 193 4.45 -10.62 18.56
CA ILE A 193 3.32 -11.45 18.17
C ILE A 193 3.82 -12.70 17.46
N SER A 194 3.34 -13.87 17.89
CA SER A 194 3.79 -15.12 17.28
C SER A 194 2.80 -16.26 17.41
N LYS A 195 3.28 -17.48 17.16
CA LYS A 195 2.47 -18.68 17.29
C LYS A 195 3.13 -19.68 18.23
N ARG A 216 -1.78 -24.40 16.10
CA ARG A 216 -1.12 -23.31 16.82
C ARG A 216 -2.02 -22.08 16.92
N LYS A 217 -1.97 -21.42 18.06
CA LYS A 217 -2.73 -20.20 18.27
C LYS A 217 -1.80 -18.99 18.28
N ILE A 218 -2.34 -17.82 17.93
CA ILE A 218 -1.52 -16.62 17.82
C ILE A 218 -1.57 -15.77 19.09
N THR A 219 -0.41 -15.63 19.72
CA THR A 219 -0.29 -14.95 20.99
C THR A 219 0.44 -13.61 20.87
N GLN A 220 -0.12 -12.59 21.55
CA GLN A 220 0.53 -11.31 21.71
C GLN A 220 1.20 -11.22 23.08
N ASN A 221 2.50 -10.96 23.06
CA ASN A 221 3.30 -10.81 24.27
C ASN A 221 3.64 -9.34 24.48
N TRP A 222 3.02 -8.76 25.52
CA TRP A 222 3.15 -7.35 25.83
C TRP A 222 4.14 -7.08 26.97
N GLU A 223 4.80 -8.14 27.43
CA GLU A 223 5.82 -8.01 28.47
C GLU A 223 7.03 -8.87 28.11
N ILE A 224 7.62 -8.56 26.96
CA ILE A 224 8.78 -9.28 26.46
C ILE A 224 10.05 -8.86 27.20
N PRO A 225 11.06 -9.73 27.23
CA PRO A 225 12.34 -9.37 27.86
C PRO A 225 13.20 -8.52 26.93
N LYS A 226 14.32 -8.02 27.44
CA LYS A 226 15.33 -7.41 26.60
C LYS A 226 16.01 -8.51 25.81
N PHE A 227 16.07 -8.35 24.49
CA PHE A 227 16.54 -9.41 23.60
C PHE A 227 17.96 -9.89 23.92
N LYS A 228 18.88 -8.95 24.11
CA LYS A 228 20.25 -9.31 24.44
C LYS A 228 20.45 -9.38 25.95
N SER A 229 19.96 -10.48 26.54
CA SER A 229 20.13 -10.75 27.98
C SER A 229 19.60 -12.14 28.30
N GLU A 230 19.65 -12.50 29.56
CA GLU A 230 18.95 -13.67 30.06
C GLU A 230 17.75 -13.18 30.88
N LYS A 231 16.57 -13.76 30.68
CA LYS A 231 16.38 -14.85 29.72
C LYS A 231 15.84 -14.34 28.38
N GLY A 232 16.48 -13.31 27.85
CA GLY A 232 16.05 -12.72 26.59
C GLY A 232 16.62 -13.42 25.37
N ILE A 233 17.84 -13.90 25.49
CA ILE A 233 18.49 -14.63 24.40
C ILE A 233 17.73 -15.92 24.03
N PRO A 234 17.45 -16.80 25.01
CA PRO A 234 16.75 -18.02 24.59
C PRO A 234 15.33 -17.74 24.13
N PHE A 235 14.73 -16.67 24.63
CA PHE A 235 13.40 -16.22 24.20
C PHE A 235 13.37 -16.04 22.68
N LEU A 236 14.22 -15.14 22.21
CA LEU A 236 14.37 -14.87 20.78
C LEU A 236 14.76 -16.11 20.02
N GLU A 237 15.64 -16.92 20.62
CA GLU A 237 16.11 -18.14 19.95
C GLU A 237 14.98 -19.14 19.71
N LYS A 238 14.07 -19.28 20.66
CA LYS A 238 12.92 -20.17 20.50
C LYS A 238 11.96 -19.54 19.52
N LEU A 239 11.90 -18.21 19.52
CA LEU A 239 11.05 -17.49 18.57
C LEU A 239 11.52 -17.73 17.14
N ILE A 240 12.81 -17.97 16.96
CA ILE A 240 13.37 -18.18 15.62
C ILE A 240 13.40 -19.68 15.24
N ASN A 241 13.41 -20.55 16.24
CA ASN A 241 13.57 -21.99 16.04
C ASN A 241 14.91 -22.31 15.40
N THR B 3 23.48 -0.73 6.18
CA THR B 3 22.91 -1.90 6.84
C THR B 3 22.85 -3.08 5.87
N ARG B 4 21.76 -3.83 5.93
CA ARG B 4 21.54 -4.93 5.00
C ARG B 4 20.34 -4.61 4.11
N GLU B 5 19.90 -3.36 4.18
CA GLU B 5 18.83 -2.87 3.33
C GLU B 5 19.38 -2.60 1.93
N ILE B 6 19.69 -3.68 1.22
CA ILE B 6 20.44 -3.60 -0.02
C ILE B 6 19.59 -3.22 -1.23
N TYR B 7 18.29 -3.06 -1.02
CA TYR B 7 17.38 -2.66 -2.08
C TYR B 7 16.84 -1.24 -1.87
N ALA B 8 17.30 -0.62 -0.79
CA ALA B 8 16.75 0.67 -0.35
C ALA B 8 17.21 1.84 -1.22
N GLU B 9 18.33 1.69 -1.89
CA GLU B 9 18.87 2.77 -2.71
C GLU B 9 18.53 2.59 -4.19
N MET B 10 17.71 1.58 -4.47
CA MET B 10 17.26 1.30 -5.83
C MET B 10 16.35 2.41 -6.35
N ARG B 11 16.75 3.05 -7.45
CA ARG B 11 16.00 4.19 -7.94
C ARG B 11 15.52 4.00 -9.38
N CYS B 12 14.41 4.66 -9.70
CA CYS B 12 13.88 4.68 -11.05
C CYS B 12 13.87 6.10 -11.58
N ILE B 13 13.93 6.24 -12.91
CA ILE B 13 13.96 7.55 -13.54
C ILE B 13 12.69 7.81 -14.34
N PRO B 14 11.90 8.80 -13.89
CA PRO B 14 10.68 9.22 -14.61
C PRO B 14 11.01 9.67 -16.03
N PRO B 15 10.04 9.53 -16.97
CA PRO B 15 8.65 9.11 -16.78
C PRO B 15 8.50 7.63 -16.42
N VAL B 16 7.51 7.34 -15.58
CA VAL B 16 7.33 6.01 -15.04
C VAL B 16 5.84 5.76 -14.79
N VAL B 17 5.38 4.54 -15.02
CA VAL B 17 4.00 4.21 -14.67
C VAL B 17 3.98 3.22 -13.52
N LEU B 18 3.20 3.50 -12.49
CA LEU B 18 3.05 2.53 -11.43
C LEU B 18 1.77 1.72 -11.63
N ARG B 19 1.88 0.41 -11.61
CA ARG B 19 0.68 -0.42 -11.72
C ARG B 19 0.43 -1.19 -10.44
N ALA B 20 -0.79 -1.03 -9.92
CA ALA B 20 -1.21 -1.77 -8.74
C ALA B 20 -2.30 -2.77 -9.12
N ASP B 21 -2.20 -3.98 -8.58
CA ASP B 21 -3.12 -5.05 -8.92
C ASP B 21 -3.58 -5.79 -7.67
N GLY B 22 -4.89 -5.82 -7.43
CA GLY B 22 -5.45 -6.47 -6.27
C GLY B 22 -5.06 -7.92 -6.13
N ARG B 23 -4.71 -8.32 -4.91
CA ARG B 23 -4.27 -9.69 -4.65
C ARG B 23 -5.43 -10.59 -4.23
N ASN B 24 -5.64 -11.68 -4.98
CA ASN B 24 -6.73 -12.61 -4.73
C ASN B 24 -8.08 -11.91 -4.67
N PHE B 25 -8.30 -10.98 -5.60
CA PHE B 25 -9.50 -10.15 -5.56
C PHE B 25 -10.75 -10.86 -6.06
N LYS B 26 -10.62 -11.65 -7.11
CA LYS B 26 -11.76 -12.38 -7.68
C LYS B 26 -12.51 -13.15 -6.61
N ASN B 27 -11.78 -13.95 -5.84
CA ASN B 27 -12.38 -14.81 -4.81
C ASN B 27 -12.88 -14.06 -3.58
N THR B 28 -12.17 -13.00 -3.19
CA THR B 28 -12.60 -12.21 -2.04
C THR B 28 -13.89 -11.47 -2.37
N LEU B 29 -13.92 -10.80 -3.52
CA LEU B 29 -15.12 -10.14 -4.00
C LEU B 29 -16.27 -11.14 -4.17
N SER B 30 -15.93 -12.33 -4.66
CA SER B 30 -16.91 -13.41 -4.77
C SER B 30 -17.51 -13.77 -3.41
N GLY B 31 -16.66 -13.83 -2.40
CA GLY B 31 -17.08 -14.24 -1.07
C GLY B 31 -17.81 -13.18 -0.27
N LEU B 32 -17.63 -11.92 -0.64
CA LEU B 32 -18.25 -10.81 0.07
C LEU B 32 -19.64 -10.49 -0.47
N GLY B 33 -20.02 -11.13 -1.56
CA GLY B 33 -21.36 -10.99 -2.10
C GLY B 33 -21.51 -9.99 -3.23
N PHE B 34 -20.40 -9.62 -3.85
CA PHE B 34 -20.43 -8.73 -5.00
C PHE B 34 -21.00 -9.44 -6.22
N GLU B 35 -21.55 -8.68 -7.17
CA GLU B 35 -22.11 -9.25 -8.38
C GLU B 35 -21.01 -9.84 -9.26
N LYS B 36 -21.34 -10.90 -9.99
CA LYS B 36 -20.37 -11.58 -10.86
C LYS B 36 -20.81 -11.55 -12.32
N PRO B 37 -19.85 -11.40 -13.25
CA PRO B 37 -18.43 -11.19 -12.97
C PRO B 37 -18.08 -9.71 -12.86
N TYR B 38 -19.09 -8.85 -12.93
CA TYR B 38 -18.87 -7.41 -12.80
C TYR B 38 -19.85 -6.77 -11.80
N ASP B 39 -19.30 -5.99 -10.88
CA ASP B 39 -20.09 -5.25 -9.91
C ASP B 39 -19.75 -3.77 -10.01
N LYS B 40 -20.73 -2.95 -10.35
CA LYS B 40 -20.49 -1.52 -10.59
C LYS B 40 -20.12 -0.78 -9.32
N THR B 41 -20.59 -1.26 -8.18
CA THR B 41 -20.20 -0.68 -6.89
C THR B 41 -18.70 -0.83 -6.70
N PHE B 42 -18.18 -2.00 -7.08
CA PHE B 42 -16.75 -2.26 -6.97
C PHE B 42 -15.94 -1.35 -7.87
N ALA B 43 -16.34 -1.26 -9.14
CA ALA B 43 -15.66 -0.40 -10.10
C ALA B 43 -15.68 1.06 -9.64
N ARG B 44 -16.82 1.46 -9.08
CA ARG B 44 -16.96 2.77 -8.45
C ARG B 44 -15.93 2.95 -7.34
N ALA B 45 -15.76 1.92 -6.53
CA ALA B 45 -14.80 1.97 -5.43
C ALA B 45 -13.37 2.10 -5.96
N MET B 46 -13.09 1.44 -7.08
CA MET B 46 -11.77 1.49 -7.70
C MET B 46 -11.48 2.89 -8.23
N ALA B 47 -12.42 3.44 -9.00
CA ALA B 47 -12.28 4.78 -9.55
C ALA B 47 -12.13 5.82 -8.44
N ASP B 48 -12.97 5.71 -7.42
CA ASP B 48 -12.92 6.62 -6.28
C ASP B 48 -11.61 6.50 -5.52
N THR B 49 -11.07 5.28 -5.45
CA THR B 49 -9.78 5.05 -4.80
C THR B 49 -8.68 5.74 -5.57
N ALA B 50 -8.71 5.58 -6.90
CA ALA B 50 -7.76 6.26 -7.77
C ALA B 50 -7.82 7.77 -7.58
N GLU B 51 -9.03 8.30 -7.57
CA GLU B 51 -9.25 9.73 -7.37
C GLU B 51 -8.71 10.20 -6.02
N LEU B 52 -8.94 9.40 -4.99
CA LEU B 52 -8.48 9.74 -3.64
C LEU B 52 -6.96 9.70 -3.58
N PHE B 53 -6.36 8.84 -4.39
CA PHE B 53 -4.90 8.78 -4.48
C PHE B 53 -4.38 10.04 -5.16
N ILE B 54 -5.00 10.43 -6.26
CA ILE B 54 -4.62 11.64 -6.97
C ILE B 54 -4.79 12.86 -6.07
N LYS B 55 -5.76 12.79 -5.17
CA LYS B 55 -6.17 13.95 -4.37
C LYS B 55 -5.38 14.11 -3.07
N LYS B 56 -5.09 13.02 -2.38
CA LYS B 56 -4.57 13.13 -1.01
C LYS B 56 -3.34 12.29 -0.69
N SER B 57 -2.71 11.68 -1.68
CA SER B 57 -1.58 10.79 -1.42
C SER B 57 -0.29 11.57 -1.19
N GLY B 58 -0.23 12.78 -1.74
CA GLY B 58 0.97 13.58 -1.67
C GLY B 58 1.81 13.38 -2.90
N LEU B 59 1.42 12.41 -3.71
CA LEU B 59 2.07 12.15 -4.99
C LEU B 59 1.30 12.83 -6.10
N SER B 60 1.94 13.00 -7.25
CA SER B 60 1.32 13.73 -8.35
C SER B 60 1.23 12.92 -9.64
N PRO B 61 0.35 11.90 -9.66
CA PRO B 61 0.14 11.18 -10.91
C PRO B 61 -0.56 12.06 -11.94
N LEU B 62 -0.05 12.07 -13.18
CA LEU B 62 -0.66 12.85 -14.25
C LEU B 62 -2.10 12.41 -14.46
N PHE B 63 -2.31 11.10 -14.51
CA PHE B 63 -3.64 10.53 -14.52
C PHE B 63 -3.60 9.04 -14.20
N ALA B 64 -4.78 8.49 -13.92
CA ALA B 64 -4.95 7.09 -13.60
C ALA B 64 -5.82 6.40 -14.64
N TYR B 65 -5.53 5.13 -14.88
CA TYR B 65 -6.32 4.29 -15.76
C TYR B 65 -6.65 3.00 -15.04
N THR B 66 -7.92 2.80 -14.71
CA THR B 66 -8.30 1.64 -13.91
C THR B 66 -9.24 0.70 -14.63
N PHE B 67 -9.07 -0.59 -14.38
CA PHE B 67 -10.03 -1.59 -14.85
C PHE B 67 -9.79 -2.90 -14.10
N SER B 68 -10.85 -3.70 -14.00
CA SER B 68 -10.81 -4.93 -13.21
C SER B 68 -10.32 -4.59 -11.81
N ASP B 69 -9.23 -5.21 -11.39
CA ASP B 69 -8.69 -4.95 -10.07
C ASP B 69 -7.35 -4.24 -10.14
N GLU B 70 -7.11 -3.54 -11.25
CA GLU B 70 -5.83 -2.88 -11.46
C GLU B 70 -5.97 -1.39 -11.76
N ILE B 71 -4.93 -0.64 -11.37
CA ILE B 71 -4.85 0.80 -11.64
C ILE B 71 -3.45 1.16 -12.10
N SER B 72 -3.35 1.95 -13.16
CA SER B 72 -2.07 2.46 -13.62
C SER B 72 -1.99 3.99 -13.43
N PHE B 73 -0.92 4.46 -12.79
CA PHE B 73 -0.72 5.88 -12.60
C PHE B 73 0.47 6.37 -13.42
N LEU B 74 0.31 7.49 -14.13
CA LEU B 74 1.44 8.07 -14.85
C LEU B 74 2.17 9.11 -14.01
N PHE B 75 3.49 8.97 -13.92
CA PHE B 75 4.34 9.88 -13.16
C PHE B 75 5.45 10.47 -14.00
N THR B 76 5.66 11.78 -13.87
CA THR B 76 6.83 12.43 -14.44
C THR B 76 7.67 13.00 -13.31
N ASP B 77 7.17 12.85 -12.09
CA ASP B 77 7.87 13.31 -10.90
C ASP B 77 7.54 12.41 -9.71
N LEU B 78 8.56 12.00 -8.97
CA LEU B 78 8.38 11.03 -7.89
C LEU B 78 8.99 11.50 -6.58
N PRO B 79 8.37 11.13 -5.44
CA PRO B 79 8.93 11.41 -4.13
C PRO B 79 9.96 10.36 -3.74
N PHE B 80 10.62 10.56 -2.60
CA PHE B 80 11.64 9.64 -2.10
C PHE B 80 12.74 9.40 -3.14
N ASP B 81 12.98 10.42 -3.96
CA ASP B 81 14.04 10.40 -4.97
C ASP B 81 13.90 9.22 -5.96
N GLY B 82 12.68 8.71 -6.09
CA GLY B 82 12.41 7.64 -7.02
C GLY B 82 12.72 6.25 -6.51
N ARG B 83 12.99 6.14 -5.21
CA ARG B 83 13.31 4.84 -4.61
C ARG B 83 12.17 3.85 -4.78
N VAL B 84 12.51 2.67 -5.28
CA VAL B 84 11.53 1.66 -5.67
C VAL B 84 10.73 1.09 -4.50
N GLU B 85 11.43 0.62 -3.48
CA GLU B 85 10.79 0.06 -2.29
C GLU B 85 9.79 1.05 -1.70
N LYS B 86 10.27 2.27 -1.49
CA LYS B 86 9.45 3.36 -0.95
C LYS B 86 8.16 3.56 -1.74
N ILE B 87 8.31 3.84 -3.04
CA ILE B 87 7.18 4.16 -3.88
C ILE B 87 6.17 3.01 -3.96
N ASP B 88 6.68 1.80 -4.25
CA ASP B 88 5.81 0.63 -4.36
C ASP B 88 5.04 0.39 -3.07
N SER B 89 5.76 0.32 -1.95
CA SER B 89 5.13 0.02 -0.66
C SER B 89 4.13 1.10 -0.25
N VAL B 90 4.55 2.36 -0.28
CA VAL B 90 3.69 3.47 0.13
C VAL B 90 2.44 3.59 -0.74
N VAL B 91 2.60 3.51 -2.05
CA VAL B 91 1.45 3.62 -2.95
C VAL B 91 0.50 2.44 -2.76
N ALA B 92 1.04 1.22 -2.79
CA ALA B 92 0.20 0.04 -2.61
C ALA B 92 -0.55 0.09 -1.27
N SER B 93 0.12 0.59 -0.24
CA SER B 93 -0.47 0.70 1.09
C SER B 93 -1.61 1.72 1.11
N PHE B 94 -1.35 2.89 0.54
CA PHE B 94 -2.36 3.93 0.43
C PHE B 94 -3.58 3.42 -0.31
N LEU B 95 -3.35 2.67 -1.38
CA LEU B 95 -4.44 2.16 -2.21
C LEU B 95 -5.25 1.10 -1.47
N GLY B 96 -4.55 0.22 -0.75
CA GLY B 96 -5.21 -0.79 0.05
C GLY B 96 -6.09 -0.14 1.10
N SER B 97 -5.53 0.83 1.81
CA SER B 97 -6.27 1.55 2.86
C SER B 97 -7.49 2.27 2.29
N ALA B 98 -7.26 3.02 1.20
CA ALA B 98 -8.32 3.79 0.57
C ALA B 98 -9.45 2.90 0.09
N LEU B 99 -9.11 1.80 -0.57
CA LEU B 99 -10.13 0.87 -1.04
C LEU B 99 -10.89 0.27 0.14
N THR B 100 -10.16 -0.08 1.19
CA THR B 100 -10.76 -0.61 2.40
C THR B 100 -11.77 0.38 2.96
N ILE B 101 -11.47 1.67 2.85
CA ILE B 101 -12.39 2.70 3.32
C ILE B 101 -13.61 2.81 2.42
N LYS B 102 -13.38 2.90 1.11
CA LYS B 102 -14.46 3.05 0.14
C LYS B 102 -15.44 1.89 0.18
N LEU B 103 -14.94 0.71 0.53
CA LEU B 103 -15.77 -0.49 0.54
C LEU B 103 -16.24 -0.89 1.93
N ARG B 104 -15.74 -0.18 2.94
CA ARG B 104 -16.08 -0.48 4.34
C ARG B 104 -15.81 -1.94 4.68
N LEU B 105 -14.63 -2.41 4.28
CA LEU B 105 -14.27 -3.81 4.48
C LEU B 105 -14.04 -4.11 5.96
N GLU B 106 -14.36 -5.34 6.36
CA GLU B 106 -14.15 -5.77 7.73
C GLU B 106 -12.95 -6.72 7.81
N GLU B 107 -12.53 -7.23 6.64
CA GLU B 107 -11.34 -8.05 6.54
C GLU B 107 -10.38 -7.42 5.52
N PRO B 108 -9.07 -7.47 5.81
CA PRO B 108 -8.07 -6.74 5.02
C PRO B 108 -7.86 -7.30 3.61
N ILE B 109 -7.60 -6.39 2.67
CA ILE B 109 -7.20 -6.75 1.31
C ILE B 109 -5.79 -6.23 1.06
N ALA B 110 -5.26 -6.47 -0.13
CA ALA B 110 -3.92 -5.99 -0.46
C ALA B 110 -3.73 -5.79 -1.96
N PHE B 111 -3.01 -4.73 -2.31
CA PHE B 111 -2.57 -4.51 -3.68
C PHE B 111 -1.11 -4.89 -3.85
N ASP B 112 -0.80 -5.55 -4.96
CA ASP B 112 0.57 -5.67 -5.42
C ASP B 112 0.87 -4.40 -6.20
N SER B 113 2.13 -4.02 -6.28
CA SER B 113 2.49 -2.81 -7.02
C SER B 113 3.85 -2.93 -7.68
N ARG B 114 3.97 -2.38 -8.89
CA ARG B 114 5.24 -2.43 -9.62
C ARG B 114 5.50 -1.18 -10.44
N LEU B 115 6.78 -0.92 -10.70
CA LEU B 115 7.20 0.22 -11.49
C LEU B 115 7.53 -0.18 -12.93
N VAL B 116 6.97 0.55 -13.88
CA VAL B 116 7.21 0.36 -15.30
C VAL B 116 7.93 1.57 -15.87
N ALA B 117 9.23 1.42 -16.12
CA ALA B 117 10.05 2.50 -16.62
C ALA B 117 9.83 2.70 -18.12
N LEU B 118 9.53 3.94 -18.51
CA LEU B 118 9.14 4.22 -19.88
C LEU B 118 9.91 5.39 -20.49
N GLN B 119 10.02 5.38 -21.81
CA GLN B 119 10.43 6.56 -22.55
C GLN B 119 9.21 7.43 -22.77
N LYS B 120 9.43 8.71 -23.06
CA LYS B 120 8.34 9.62 -23.35
C LYS B 120 7.52 9.08 -24.52
N GLU B 121 8.18 8.92 -25.66
CA GLU B 121 7.55 8.38 -26.86
C GLU B 121 6.93 7.00 -26.67
N GLU B 122 7.15 6.39 -25.52
CA GLU B 122 6.61 5.06 -25.23
C GLU B 122 5.33 5.09 -24.41
N ILE B 123 5.02 6.22 -23.79
CA ILE B 123 3.90 6.28 -22.84
C ILE B 123 2.52 5.93 -23.44
N PRO B 124 2.22 6.38 -24.67
CA PRO B 124 0.94 5.92 -25.24
C PRO B 124 0.84 4.40 -25.35
N GLU B 125 1.83 3.81 -26.03
CA GLU B 125 1.89 2.36 -26.25
C GLU B 125 1.50 1.57 -25.01
N TYR B 126 2.15 1.86 -23.88
CA TYR B 126 1.86 1.19 -22.61
C TYR B 126 0.37 1.07 -22.40
N PHE B 127 -0.31 2.21 -22.36
CA PHE B 127 -1.73 2.22 -22.03
C PHE B 127 -2.53 1.41 -23.04
N HIS B 128 -2.14 1.52 -24.31
CA HIS B 128 -2.77 0.73 -25.36
C HIS B 128 -2.74 -0.74 -24.97
N ARG B 129 -1.55 -1.22 -24.62
CA ARG B 129 -1.40 -2.61 -24.22
C ARG B 129 -2.31 -2.91 -23.04
N ARG B 130 -2.31 -2.04 -22.04
CA ARG B 130 -3.18 -2.22 -20.89
C ARG B 130 -4.63 -2.30 -21.33
N GLN B 131 -5.02 -1.44 -22.26
CA GLN B 131 -6.39 -1.44 -22.75
C GLN B 131 -6.73 -2.80 -23.36
N LEU B 132 -5.79 -3.33 -24.15
CA LEU B 132 -6.00 -4.65 -24.73
C LEU B 132 -6.32 -5.65 -23.61
N GLU B 133 -5.53 -5.59 -22.55
CA GLU B 133 -5.71 -6.50 -21.43
C GLU B 133 -7.12 -6.37 -20.87
N ALA B 134 -7.58 -5.13 -20.75
CA ALA B 134 -8.94 -4.88 -20.28
C ALA B 134 -9.90 -5.71 -21.11
N TRP B 135 -9.83 -5.52 -22.42
CA TRP B 135 -10.65 -6.27 -23.36
C TRP B 135 -10.44 -7.77 -23.13
N ARG B 136 -9.17 -8.18 -23.03
CA ARG B 136 -8.84 -9.59 -22.81
C ARG B 136 -9.50 -10.12 -21.56
N ASN B 137 -9.57 -9.29 -20.53
CA ASN B 137 -10.24 -9.69 -19.29
C ASN B 137 -11.73 -9.73 -19.48
N PHE B 138 -12.24 -8.70 -20.16
CA PHE B 138 -13.67 -8.54 -20.38
C PHE B 138 -14.30 -9.78 -21.03
N VAL B 139 -13.63 -10.30 -22.04
CA VAL B 139 -14.09 -11.50 -22.72
C VAL B 139 -13.94 -12.74 -21.84
N ALA B 140 -12.85 -12.78 -21.07
CA ALA B 140 -12.57 -13.95 -20.23
C ALA B 140 -13.58 -14.05 -19.08
N SER B 141 -13.62 -13.00 -18.27
CA SER B 141 -14.49 -12.91 -17.10
C SER B 141 -15.91 -13.36 -17.40
N TRP B 142 -16.49 -12.84 -18.48
CA TRP B 142 -17.82 -13.24 -18.91
C TRP B 142 -17.84 -14.69 -19.35
N GLY B 143 -16.93 -15.06 -20.25
CA GLY B 143 -16.84 -16.42 -20.76
C GLY B 143 -16.86 -17.44 -19.65
N TYR B 144 -15.81 -17.43 -18.83
CA TYR B 144 -15.74 -18.20 -17.59
C TYR B 144 -17.09 -18.29 -16.90
N TYR B 145 -17.66 -17.13 -16.59
CA TYR B 145 -18.94 -17.04 -15.91
C TYR B 145 -19.96 -17.94 -16.59
N ALA B 146 -20.20 -17.69 -17.88
CA ALA B 146 -21.21 -18.42 -18.62
C ALA B 146 -20.96 -19.93 -18.62
N LEU B 147 -19.69 -20.31 -18.61
CA LEU B 147 -19.36 -21.74 -18.55
C LEU B 147 -19.70 -22.28 -17.18
N ARG B 148 -19.23 -21.58 -16.14
CA ARG B 148 -19.39 -22.04 -14.77
C ARG B 148 -20.86 -22.17 -14.40
N ASN B 149 -21.69 -21.32 -15.02
CA ASN B 149 -23.13 -21.38 -14.83
C ASN B 149 -23.73 -22.74 -15.21
N GLU B 150 -23.24 -23.32 -16.29
CA GLU B 150 -23.88 -24.53 -16.83
C GLU B 150 -23.17 -25.82 -16.42
N GLY B 151 -22.25 -25.73 -15.47
CA GLY B 151 -21.70 -26.92 -14.84
C GLY B 151 -20.28 -27.31 -15.19
N MET B 152 -19.58 -26.47 -15.95
CA MET B 152 -18.20 -26.76 -16.29
C MET B 152 -17.26 -26.36 -15.16
N GLY B 153 -16.33 -27.24 -14.82
CA GLY B 153 -15.38 -27.00 -13.74
C GLY B 153 -14.44 -25.85 -14.03
N ARG B 154 -13.70 -25.44 -13.00
CA ARG B 154 -12.85 -24.25 -13.10
C ARG B 154 -11.71 -24.43 -14.11
N ASN B 155 -10.93 -25.48 -13.94
CA ASN B 155 -9.79 -25.73 -14.82
C ASN B 155 -10.21 -25.98 -16.26
N GLU B 156 -11.27 -26.75 -16.44
CA GLU B 156 -11.78 -27.05 -17.77
C GLU B 156 -12.23 -25.77 -18.47
N ALA B 157 -12.85 -24.87 -17.72
CA ALA B 157 -13.32 -23.60 -18.25
C ALA B 157 -12.14 -22.71 -18.63
N ALA B 158 -11.12 -22.69 -17.77
CA ALA B 158 -9.92 -21.88 -18.05
C ALA B 158 -9.22 -22.36 -19.31
N LYS B 159 -9.01 -23.67 -19.41
CA LYS B 159 -8.44 -24.28 -20.60
C LYS B 159 -9.27 -23.95 -21.83
N TYR B 160 -10.59 -24.09 -21.70
CA TYR B 160 -11.53 -23.78 -22.77
C TYR B 160 -11.30 -22.36 -23.29
N LEU B 161 -11.28 -21.40 -22.38
CA LEU B 161 -11.07 -20.00 -22.75
C LEU B 161 -9.71 -19.78 -23.39
N LYS B 162 -8.70 -20.48 -22.89
CA LYS B 162 -7.35 -20.33 -23.42
C LYS B 162 -7.25 -20.82 -24.86
N ARG B 163 -7.83 -21.99 -25.15
CA ARG B 163 -7.69 -22.57 -26.48
C ARG B 163 -8.67 -21.97 -27.48
N LYS B 164 -9.89 -21.70 -27.04
CA LYS B 164 -10.90 -21.12 -27.92
C LYS B 164 -10.50 -19.71 -28.33
N LYS B 165 -10.74 -19.35 -29.60
CA LYS B 165 -10.44 -18.00 -30.05
C LYS B 165 -11.58 -17.07 -29.68
N GLU B 166 -11.29 -15.77 -29.72
CA GLU B 166 -12.21 -14.73 -29.25
C GLU B 166 -13.57 -14.79 -29.93
N SER B 167 -13.57 -15.10 -31.23
CA SER B 167 -14.80 -15.20 -32.00
C SER B 167 -15.70 -16.31 -31.48
N GLU B 168 -15.09 -17.47 -31.23
CA GLU B 168 -15.80 -18.63 -30.71
C GLU B 168 -16.41 -18.33 -29.34
N ILE B 169 -15.66 -17.62 -28.51
CA ILE B 169 -16.15 -17.24 -27.18
C ILE B 169 -17.30 -16.26 -27.31
N HIS B 170 -17.22 -15.35 -28.28
CA HIS B 170 -18.32 -14.45 -28.59
C HIS B 170 -19.58 -15.24 -28.96
N GLU B 171 -19.39 -16.26 -29.80
CA GLU B 171 -20.48 -17.13 -30.22
C GLU B 171 -21.14 -17.83 -29.04
N MET B 172 -20.33 -18.56 -28.28
CA MET B 172 -20.80 -19.28 -27.09
C MET B 172 -21.54 -18.36 -26.13
N LEU B 173 -20.96 -17.19 -25.90
CA LEU B 173 -21.55 -16.18 -25.01
C LEU B 173 -22.91 -15.73 -25.54
N PHE B 174 -22.99 -15.52 -26.85
CA PHE B 174 -24.20 -15.00 -27.47
C PHE B 174 -25.33 -16.03 -27.46
N GLU B 175 -24.99 -17.30 -27.63
CA GLU B 175 -25.99 -18.36 -27.63
C GLU B 175 -26.65 -18.51 -26.26
N ARG B 176 -25.93 -18.11 -25.22
CA ARG B 176 -26.40 -18.26 -23.85
C ARG B 176 -27.06 -17.00 -23.32
N GLY B 177 -27.27 -16.02 -24.20
CA GLY B 177 -28.02 -14.81 -23.86
C GLY B 177 -27.17 -13.62 -23.45
N ILE B 178 -25.88 -13.68 -23.75
CA ILE B 178 -24.97 -12.58 -23.40
C ILE B 178 -24.37 -11.92 -24.64
N ASN B 179 -24.72 -10.67 -24.86
CA ASN B 179 -24.20 -9.91 -25.99
C ASN B 179 -23.13 -8.93 -25.54
N LEU B 180 -21.88 -9.24 -25.87
CA LEU B 180 -20.73 -8.49 -25.38
C LEU B 180 -20.64 -7.07 -25.97
N ALA B 181 -21.38 -6.83 -27.04
CA ALA B 181 -21.32 -5.53 -27.72
C ALA B 181 -22.24 -4.51 -27.05
N THR B 182 -23.26 -4.99 -26.34
CA THR B 182 -24.24 -4.11 -25.71
C THR B 182 -23.91 -3.80 -24.25
N LEU B 183 -22.98 -4.56 -23.68
CA LEU B 183 -22.54 -4.36 -22.31
C LEU B 183 -21.86 -3.00 -22.17
N PRO B 184 -21.85 -2.43 -20.94
CA PRO B 184 -21.33 -1.08 -20.71
C PRO B 184 -19.89 -0.89 -21.17
N SER B 185 -19.54 0.34 -21.52
CA SER B 185 -18.23 0.66 -22.06
C SER B 185 -17.11 0.53 -21.02
N TRP B 186 -17.44 0.77 -19.75
CA TRP B 186 -16.45 0.76 -18.68
C TRP B 186 -15.97 -0.67 -18.38
N GLN B 187 -16.76 -1.66 -18.77
CA GLN B 187 -16.36 -3.05 -18.61
C GLN B 187 -15.34 -3.46 -19.67
N ARG B 188 -15.45 -2.84 -20.84
CA ARG B 188 -14.62 -3.22 -21.98
C ARG B 188 -13.36 -2.37 -22.10
N ARG B 189 -13.42 -1.14 -21.63
CA ARG B 189 -12.32 -0.20 -21.82
C ARG B 189 -11.77 0.38 -20.53
N GLY B 190 -12.55 0.27 -19.46
CA GLY B 190 -12.12 0.77 -18.17
C GLY B 190 -12.49 2.23 -17.95
N VAL B 191 -11.87 2.83 -16.92
CA VAL B 191 -12.17 4.20 -16.54
C VAL B 191 -10.91 5.04 -16.44
N ILE B 192 -10.98 6.27 -16.96
CA ILE B 192 -9.86 7.20 -16.86
C ILE B 192 -10.13 8.28 -15.82
N ILE B 193 -9.23 8.43 -14.86
CA ILE B 193 -9.38 9.50 -13.86
C ILE B 193 -8.29 10.53 -14.07
N SER B 194 -8.67 11.76 -14.41
CA SER B 194 -7.68 12.76 -14.80
C SER B 194 -7.98 14.16 -14.29
N LYS B 195 -7.16 15.12 -14.71
CA LYS B 195 -7.34 16.51 -14.32
C LYS B 195 -7.83 17.36 -15.49
N GLU B 196 -9.14 17.53 -15.59
CA GLU B 196 -9.71 18.32 -16.67
C GLU B 196 -9.56 19.81 -16.39
N ALA B 197 -8.96 20.53 -17.33
CA ALA B 197 -8.74 21.96 -17.15
C ALA B 197 -9.93 22.79 -17.63
N ARG B 198 -10.20 23.87 -16.91
CA ARG B 198 -11.28 24.77 -17.25
C ARG B 198 -10.80 26.21 -17.13
N GLU B 199 -11.33 27.07 -17.99
CA GLU B 199 -10.96 28.49 -17.94
C GLU B 199 -11.78 29.24 -16.90
N ILE B 200 -11.08 29.91 -16.00
CA ILE B 200 -11.73 30.80 -15.04
C ILE B 200 -11.21 32.21 -15.26
N GLN B 201 -11.69 33.16 -14.46
CA GLN B 201 -11.14 34.50 -14.48
C GLN B 201 -11.45 35.23 -13.18
N GLY B 202 -10.48 36.02 -12.72
CA GLY B 202 -10.64 36.77 -11.49
C GLY B 202 -10.11 38.18 -11.64
N PHE B 203 -10.05 38.90 -10.53
CA PHE B 203 -9.67 40.30 -10.58
C PHE B 203 -8.25 40.55 -10.09
N ASN B 204 -7.42 41.11 -10.96
CA ASN B 204 -6.12 41.62 -10.59
C ASN B 204 -6.28 43.06 -10.10
N PRO B 205 -6.08 43.28 -8.79
CA PRO B 205 -6.22 44.58 -8.12
C PRO B 205 -5.07 45.53 -8.44
N VAL B 206 -3.88 44.98 -8.65
CA VAL B 206 -2.73 45.78 -9.05
C VAL B 206 -2.93 46.31 -10.46
N SER B 207 -3.29 45.42 -11.38
CA SER B 207 -3.59 45.79 -12.75
C SER B 207 -4.91 46.53 -12.81
N GLY B 208 -5.80 46.24 -11.85
CA GLY B 208 -7.12 46.81 -11.85
C GLY B 208 -7.96 46.24 -12.97
N LYS B 209 -7.57 45.06 -13.45
CA LYS B 209 -8.22 44.47 -14.61
C LYS B 209 -8.66 43.03 -14.37
N GLU B 210 -9.46 42.49 -15.28
CA GLU B 210 -9.87 41.09 -15.20
C GLU B 210 -8.88 40.20 -15.93
N GLU B 211 -8.39 39.18 -15.23
CA GLU B 211 -7.43 38.24 -15.83
C GLU B 211 -7.99 36.84 -15.90
N LYS B 212 -7.64 36.13 -16.96
CA LYS B 212 -8.07 34.74 -17.14
C LYS B 212 -7.04 33.78 -16.56
N SER B 213 -7.51 32.60 -16.15
CA SER B 213 -6.63 31.61 -15.55
C SER B 213 -7.19 30.20 -15.74
N LEU B 214 -6.53 29.21 -15.15
CA LEU B 214 -6.93 27.82 -15.30
C LEU B 214 -7.20 27.16 -13.96
N ARG B 215 -8.20 26.28 -13.92
CA ARG B 215 -8.44 25.44 -12.75
C ARG B 215 -8.68 24.00 -13.18
N ARG B 216 -8.06 23.07 -12.47
CA ARG B 216 -8.16 21.67 -12.84
C ARG B 216 -9.05 20.89 -11.89
N LYS B 217 -9.97 20.12 -12.46
CA LYS B 217 -10.93 19.35 -11.70
C LYS B 217 -10.70 17.87 -11.93
N ILE B 218 -10.61 17.09 -10.86
CA ILE B 218 -10.44 15.65 -10.99
C ILE B 218 -11.73 15.04 -11.51
N THR B 219 -11.66 14.50 -12.72
CA THR B 219 -12.82 13.98 -13.43
C THR B 219 -12.68 12.48 -13.69
N GLN B 220 -13.80 11.77 -13.51
CA GLN B 220 -13.89 10.36 -13.87
C GLN B 220 -14.60 10.19 -15.20
N ASN B 221 -13.88 9.63 -16.17
CA ASN B 221 -14.42 9.32 -17.48
C ASN B 221 -14.71 7.83 -17.60
N TRP B 222 -15.99 7.50 -17.69
CA TRP B 222 -16.46 6.12 -17.74
C TRP B 222 -16.81 5.69 -19.17
N GLU B 223 -16.69 6.62 -20.10
CA GLU B 223 -16.91 6.33 -21.51
C GLU B 223 -15.72 6.81 -22.32
N ILE B 224 -14.58 6.17 -22.11
CA ILE B 224 -13.35 6.54 -22.80
C ILE B 224 -13.31 5.94 -24.20
N PRO B 225 -12.56 6.58 -25.11
CA PRO B 225 -12.42 6.03 -26.46
C PRO B 225 -11.42 4.90 -26.52
N LYS B 226 -11.37 4.21 -27.65
CA LYS B 226 -10.31 3.24 -27.91
C LYS B 226 -9.02 4.02 -28.18
N PHE B 227 -7.99 3.75 -27.40
CA PHE B 227 -6.76 4.53 -27.40
C PHE B 227 -6.09 4.65 -28.78
N LYS B 228 -6.21 3.61 -29.60
CA LYS B 228 -5.57 3.60 -30.91
C LYS B 228 -6.54 3.97 -32.02
N SER B 229 -7.69 4.51 -31.65
CA SER B 229 -8.66 5.00 -32.63
C SER B 229 -8.33 6.44 -33.03
N GLU B 230 -9.09 6.99 -33.98
CA GLU B 230 -8.84 8.33 -34.47
C GLU B 230 -8.93 9.39 -33.38
N LYS B 231 -10.02 9.36 -32.62
CA LYS B 231 -10.22 10.33 -31.55
C LYS B 231 -9.61 9.87 -30.23
N GLY B 232 -9.05 8.67 -30.25
CA GLY B 232 -8.41 8.12 -29.07
C GLY B 232 -7.00 8.65 -28.89
N ILE B 233 -6.31 8.84 -30.02
CA ILE B 233 -4.92 9.31 -30.00
C ILE B 233 -4.76 10.71 -29.39
N PRO B 234 -5.53 11.71 -29.86
CA PRO B 234 -5.31 13.03 -29.24
C PRO B 234 -5.84 13.09 -27.80
N PHE B 235 -6.78 12.21 -27.48
CA PHE B 235 -7.30 12.07 -26.11
C PHE B 235 -6.16 11.70 -25.15
N LEU B 236 -5.52 10.59 -25.47
CA LEU B 236 -4.41 10.09 -24.69
C LEU B 236 -3.24 11.07 -24.70
N GLU B 237 -3.03 11.72 -25.85
CA GLU B 237 -1.94 12.68 -25.98
C GLU B 237 -2.17 13.90 -25.10
N LYS B 238 -3.43 14.27 -24.94
CA LYS B 238 -3.78 15.39 -24.08
C LYS B 238 -3.70 14.98 -22.61
N LEU B 239 -3.98 13.71 -22.33
CA LEU B 239 -3.80 13.20 -20.97
C LEU B 239 -2.32 13.20 -20.58
N ILE B 240 -1.46 12.82 -21.52
CA ILE B 240 -0.02 12.80 -21.27
C ILE B 240 0.57 14.21 -21.31
N ASN B 241 0.11 15.00 -22.28
CA ASN B 241 0.57 16.38 -22.47
C ASN B 241 2.08 16.48 -22.58
PG GTP C 1 8.04 8.69 8.27
O1G GTP C 1 7.77 8.62 6.78
O2G GTP C 1 7.97 7.31 8.86
O3G GTP C 1 9.41 9.29 8.51
O3B GTP C 1 6.93 9.65 8.95
PB GTP C 1 6.52 9.51 10.51
O1B GTP C 1 5.88 8.19 10.81
O2B GTP C 1 5.59 10.65 10.85
O3A GTP C 1 7.91 9.67 11.32
PA GTP C 1 8.35 8.61 12.43
O1A GTP C 1 8.37 7.20 11.89
O2A GTP C 1 7.45 8.72 13.63
O5' GTP C 1 9.83 9.10 12.81
C5' GTP C 1 10.02 10.48 13.04
C4' GTP C 1 10.15 10.70 14.55
O4' GTP C 1 11.22 9.93 15.03
C3' GTP C 1 10.47 12.15 14.89
O3' GTP C 1 9.32 12.89 15.18
C2' GTP C 1 11.37 12.02 16.10
O2' GTP C 1 10.61 12.01 17.28
C1' GTP C 1 12.04 10.66 15.92
N9 GTP C 1 13.33 10.88 15.24
C8 GTP C 1 13.68 10.36 14.02
N7 GTP C 1 14.92 10.77 13.71
C5 GTP C 1 15.37 11.55 14.72
C6 GTP C 1 16.59 12.21 14.89
O6 GTP C 1 17.47 12.14 14.03
N1 GTP C 1 16.79 12.94 16.03
C2 GTP C 1 15.80 13.02 16.99
N2 GTP C 1 16.00 13.73 18.09
N3 GTP C 1 14.60 12.35 16.81
C4 GTP C 1 14.39 11.63 15.68
MG MG D . 8.89 4.73 13.11
MG MG E . 6.72 6.30 10.64
MG MG F . 11.62 6.23 7.25
PG GNP G . 14.36 6.09 5.19
O1G GNP G . 15.22 4.90 4.82
O2G GNP G . 14.18 7.08 4.06
O3G GNP G . 12.97 5.78 5.69
N3B GNP G . 15.15 6.83 6.34
PB GNP G . 14.85 6.74 7.89
O1B GNP G . 13.41 6.88 8.19
O2B GNP G . 15.75 7.77 8.47
O3A GNP G . 15.37 5.39 8.40
PA GNP G . 14.55 4.28 9.06
O1A GNP G . 13.20 4.27 8.46
O2A GNP G . 15.31 3.01 9.00
O5' GNP G . 14.39 4.63 10.59
C5' GNP G . 13.34 4.06 11.38
C4' GNP G . 12.91 5.02 12.47
O4' GNP G . 14.08 5.61 13.10
C3' GNP G . 12.07 6.20 11.98
O3' GNP G . 11.13 6.57 12.98
C2' GNP G . 13.12 7.27 11.77
O2' GNP G . 12.59 8.58 11.78
C1' GNP G . 14.01 7.02 12.98
N9 GNP G . 15.37 7.56 12.88
C8 GNP G . 16.14 7.70 11.74
N7 GNP G . 17.31 8.22 11.96
C5 GNP G . 17.34 8.45 13.33
C6 GNP G . 18.36 9.00 14.15
O6 GNP G . 19.48 9.40 13.82
N1 GNP G . 17.97 9.05 15.49
C2 GNP G . 16.76 8.62 15.97
N2 GNP G . 16.56 8.75 17.29
N3 GNP G . 15.79 8.11 15.21
C4 GNP G . 16.15 8.05 13.91
PG GNP H . -4.04 -12.39 -8.23
O1G GNP H . -3.26 -13.50 -8.88
O2G GNP H . -4.04 -11.07 -8.97
O3G GNP H . -3.57 -12.33 -6.80
N3B GNP H . -5.56 -12.84 -8.13
PB GNP H . -6.75 -12.17 -8.93
O1B GNP H . -7.99 -12.95 -8.70
O2B GNP H . -6.79 -10.75 -8.51
O3A GNP H . -6.43 -12.29 -10.43
PA GNP H . -6.30 -11.17 -11.47
O1A GNP H . -5.43 -11.65 -12.55
O2A GNP H . -5.91 -9.89 -10.83
O5' GNP H . -7.73 -10.96 -12.11
C5' GNP H . -8.61 -9.95 -11.62
C4' GNP H . -9.98 -10.57 -11.41
O4' GNP H . -10.87 -9.60 -10.80
C3' GNP H . -10.68 -11.05 -12.68
O3' GNP H . -10.70 -12.46 -12.73
C2' GNP H . -12.09 -10.46 -12.61
O2' GNP H . -13.09 -11.42 -12.86
C1' GNP H . -12.18 -9.96 -11.18
N9 GNP H . -13.04 -8.78 -11.07
C8 GNP H . -12.76 -7.51 -11.50
N7 GNP H . -13.73 -6.67 -11.29
C5 GNP H . -14.70 -7.43 -10.65
C6 GNP H . -15.98 -7.06 -10.16
O6 GNP H . -16.51 -5.94 -10.19
N1 GNP H . -16.65 -8.14 -9.59
C2 GNP H . -16.16 -9.41 -9.49
N2 GNP H . -16.94 -10.33 -8.91
N3 GNP H . -14.96 -9.77 -9.94
C4 GNP H . -14.30 -8.73 -10.51
MG MG I . -5.22 -9.34 -8.96
MG MG J . -4.79 -8.92 -13.22
#